data_7EWE
#
_entry.id   7EWE
#
_cell.length_a   86.890
_cell.length_b   86.890
_cell.length_c   153.910
_cell.angle_alpha   90.000
_cell.angle_beta   90.000
_cell.angle_gamma   120.000
#
_symmetry.space_group_name_H-M   'P 31 2 1'
#
_entity_poly.entity_id   1
_entity_poly.type   'polypeptide(L)'
_entity_poly.pdbx_seq_one_letter_code
;MAMTLRDMDAVRPVNREAVDRHKARMRDEVRAFRLRELRAAQSLTQVQVAALAHIRQSRVSSIENGDIGSAQVNTLRKYV
SALGGELDITVRLGDETFTLA
;
_entity_poly.pdbx_strand_id   A,B,C,D,E
#
# COMPACT_ATOMS: atom_id res chain seq x y z
N ARG A 31 25.14 10.45 -5.99
CA ARG A 31 25.73 9.11 -6.22
C ARG A 31 25.67 8.30 -4.92
N ALA A 32 26.37 7.16 -4.88
CA ALA A 32 26.38 6.27 -3.68
C ALA A 32 26.96 7.00 -2.47
N PHE A 33 28.27 7.18 -2.44
CA PHE A 33 28.94 7.89 -1.32
C PHE A 33 28.63 9.39 -1.46
N ARG A 34 27.48 9.83 -0.97
CA ARG A 34 27.09 11.25 -1.08
C ARG A 34 26.63 11.75 0.29
N LEU A 35 25.34 11.52 0.59
CA LEU A 35 24.68 11.91 1.86
C LEU A 35 25.62 11.58 3.01
N ARG A 36 26.29 10.43 2.91
CA ARG A 36 27.33 10.07 3.91
C ARG A 36 28.33 11.23 3.95
N GLU A 37 28.95 11.55 2.82
CA GLU A 37 29.86 12.72 2.77
C GLU A 37 29.11 13.96 3.27
N LEU A 38 27.90 14.19 2.75
CA LEU A 38 27.13 15.38 3.17
C LEU A 38 26.96 15.37 4.69
N ARG A 39 26.44 14.28 5.23
CA ARG A 39 26.26 14.22 6.70
C ARG A 39 27.62 14.43 7.36
N ALA A 40 28.63 13.67 6.94
CA ALA A 40 29.96 13.85 7.56
C ALA A 40 30.52 15.23 7.18
N ALA A 41 30.04 15.81 6.08
CA ALA A 41 30.51 17.14 5.62
C ALA A 41 30.44 18.14 6.78
N GLN A 42 29.29 18.20 7.47
CA GLN A 42 29.07 19.09 8.63
C GLN A 42 29.42 18.33 9.92
N SER A 43 29.99 17.13 9.80
CA SER A 43 30.41 16.27 10.94
C SER A 43 29.23 16.06 11.88
N LEU A 44 28.14 15.51 11.36
CA LEU A 44 26.92 15.19 12.15
C LEU A 44 26.89 13.69 12.36
N THR A 45 26.34 13.22 13.47
CA THR A 45 26.32 11.77 13.74
C THR A 45 24.98 11.22 13.27
N GLN A 46 24.99 10.04 12.67
CA GLN A 46 23.79 9.28 12.24
C GLN A 46 22.66 9.48 13.27
N VAL A 47 22.96 9.29 14.55
CA VAL A 47 21.93 9.22 15.63
C VAL A 47 21.32 10.59 15.87
N GLN A 48 22.07 11.65 15.56
CA GLN A 48 21.60 13.07 15.61
C GLN A 48 20.50 13.23 14.55
N VAL A 49 20.84 12.95 13.31
CA VAL A 49 19.93 13.07 12.14
C VAL A 49 18.61 12.33 12.43
N ALA A 50 18.71 11.06 12.79
CA ALA A 50 17.57 10.22 13.23
C ALA A 50 16.66 10.98 14.20
N ALA A 51 17.18 11.92 14.97
CA ALA A 51 16.40 12.75 15.94
C ALA A 51 15.95 14.05 15.28
N LEU A 52 16.86 14.69 14.54
CA LEU A 52 16.57 15.96 13.85
C LEU A 52 15.35 15.78 12.93
N ALA A 53 15.26 14.65 12.23
CA ALA A 53 14.17 14.41 11.28
C ALA A 53 13.13 13.46 11.88
N HIS A 54 13.30 13.09 13.14
CA HIS A 54 12.35 12.18 13.83
C HIS A 54 12.07 10.92 13.00
N ILE A 55 13.10 10.13 12.72
CA ILE A 55 12.93 8.82 12.01
C ILE A 55 13.87 7.80 12.64
N ARG A 56 13.64 6.51 12.40
CA ARG A 56 14.48 5.44 12.99
C ARG A 56 15.92 5.62 12.53
N GLN A 57 16.89 5.39 13.42
CA GLN A 57 18.30 5.52 13.01
C GLN A 57 18.60 4.47 11.93
N SER A 58 18.08 3.25 12.11
CA SER A 58 18.28 2.15 11.13
C SER A 58 17.88 2.67 9.75
N ARG A 59 16.78 3.42 9.68
CA ARG A 59 16.39 3.96 8.35
C ARG A 59 17.51 4.80 7.73
N VAL A 60 18.48 5.27 8.52
CA VAL A 60 19.51 6.26 8.05
C VAL A 60 20.69 5.50 7.46
N SER A 61 21.07 4.39 8.10
CA SER A 61 22.11 3.46 7.60
C SER A 61 21.68 3.01 6.20
N SER A 62 20.42 2.61 6.08
CA SER A 62 19.86 2.15 4.78
C SER A 62 20.06 3.25 3.73
N ILE A 63 19.43 4.39 3.93
CA ILE A 63 19.50 5.52 2.98
C ILE A 63 20.96 5.83 2.66
N GLU A 64 21.70 6.26 3.68
CA GLU A 64 23.14 6.61 3.52
C GLU A 64 23.79 5.41 2.84
N ASN A 65 23.36 4.22 3.24
CA ASN A 65 23.88 2.94 2.71
C ASN A 65 23.86 3.00 1.19
N GLY A 66 22.71 3.34 0.60
CA GLY A 66 22.61 3.42 -0.87
C GLY A 66 21.24 2.95 -1.32
N ASP A 67 20.76 1.84 -0.77
CA ASP A 67 19.42 1.33 -1.15
C ASP A 67 18.43 2.44 -0.85
N ILE A 68 17.59 2.82 -1.82
CA ILE A 68 16.63 3.90 -1.56
C ILE A 68 15.26 3.49 -2.10
N GLY A 69 15.23 2.49 -2.98
CA GLY A 69 13.95 2.03 -3.53
C GLY A 69 12.95 1.69 -2.45
N SER A 70 13.38 0.93 -1.45
CA SER A 70 12.48 0.48 -0.35
C SER A 70 12.03 1.65 0.52
N ALA A 71 12.55 2.86 0.30
CA ALA A 71 12.11 3.97 1.19
C ALA A 71 10.73 4.52 0.78
N GLN A 72 9.92 4.90 1.76
CA GLN A 72 8.71 5.74 1.51
C GLN A 72 9.24 7.12 1.07
N VAL A 73 8.48 7.88 0.27
CA VAL A 73 8.93 9.18 -0.30
C VAL A 73 9.03 10.21 0.83
N ASN A 74 7.99 10.30 1.66
CA ASN A 74 7.98 11.30 2.76
C ASN A 74 9.14 11.01 3.71
N THR A 75 9.36 9.73 4.03
CA THR A 75 10.47 9.36 4.93
C THR A 75 11.76 9.94 4.35
N LEU A 76 12.02 9.66 3.08
CA LEU A 76 13.25 10.17 2.42
C LEU A 76 13.26 11.69 2.54
N ARG A 77 12.14 12.33 2.18
CA ARG A 77 12.02 13.81 2.23
C ARG A 77 12.49 14.34 3.58
N LYS A 78 11.95 13.76 4.67
CA LYS A 78 12.28 14.18 6.06
C LYS A 78 13.80 14.28 6.24
N TYR A 79 14.50 13.18 5.98
CA TYR A 79 15.98 13.11 6.12
C TYR A 79 16.62 14.31 5.40
N VAL A 80 16.27 14.51 4.13
CA VAL A 80 16.88 15.65 3.40
C VAL A 80 16.55 16.94 4.14
N SER A 81 15.28 17.13 4.50
CA SER A 81 14.84 18.35 5.21
C SER A 81 15.74 18.60 6.42
N ALA A 82 15.79 17.63 7.33
CA ALA A 82 16.61 17.71 8.56
C ALA A 82 18.02 18.17 8.22
N LEU A 83 18.67 17.49 7.27
CA LEU A 83 20.04 17.87 6.85
C LEU A 83 20.09 19.35 6.45
N GLY A 84 19.11 19.85 5.68
CA GLY A 84 19.13 21.28 5.35
C GLY A 84 18.75 21.57 3.91
N GLY A 85 18.85 20.57 3.04
CA GLY A 85 18.53 20.76 1.60
C GLY A 85 17.04 20.61 1.25
N GLU A 86 16.75 20.28 -0.02
CA GLU A 86 15.39 20.07 -0.61
C GLU A 86 15.40 18.80 -1.48
N LEU A 87 14.21 18.19 -1.66
CA LEU A 87 14.06 16.91 -2.39
C LEU A 87 13.20 17.11 -3.62
N ASP A 88 13.81 17.03 -4.81
CA ASP A 88 13.11 17.30 -6.10
C ASP A 88 12.94 15.98 -6.87
N ILE A 89 11.71 15.69 -7.30
CA ILE A 89 11.32 14.42 -8.00
C ILE A 89 10.82 14.75 -9.43
N THR A 90 11.74 14.95 -10.39
CA THR A 90 11.43 15.28 -11.82
C THR A 90 11.01 13.97 -12.52
N VAL A 91 10.02 14.01 -13.40
CA VAL A 91 9.60 12.88 -14.29
C VAL A 91 9.87 13.27 -15.74
N ARG A 92 10.69 12.49 -16.46
CA ARG A 92 10.94 12.72 -17.91
C ARG A 92 10.12 11.71 -18.69
N LEU A 93 9.26 12.21 -19.58
CA LEU A 93 8.42 11.38 -20.46
C LEU A 93 8.71 11.83 -21.90
N GLY A 94 9.70 11.20 -22.54
CA GLY A 94 10.08 11.60 -23.90
C GLY A 94 10.62 13.02 -23.90
N ASP A 95 10.03 13.91 -24.72
CA ASP A 95 10.48 15.32 -24.78
C ASP A 95 9.66 16.15 -23.79
N GLU A 96 9.71 15.80 -22.51
CA GLU A 96 8.93 16.51 -21.46
C GLU A 96 9.68 16.46 -20.12
N THR A 97 9.07 17.02 -19.08
CA THR A 97 9.66 17.06 -17.71
C THR A 97 8.63 17.67 -16.77
N PHE A 98 8.11 16.89 -15.82
CA PHE A 98 7.09 17.46 -14.89
C PHE A 98 7.49 17.26 -13.44
N THR A 99 6.90 18.07 -12.56
CA THR A 99 7.14 18.00 -11.09
C THR A 99 5.87 17.46 -10.41
N LEU A 100 5.94 17.10 -9.13
CA LEU A 100 4.72 16.52 -8.49
C LEU A 100 4.72 16.69 -6.97
N ALA A 101 5.83 17.18 -6.41
CA ALA A 101 6.03 17.45 -4.96
C ALA A 101 7.33 18.24 -4.74
N ARG B 31 2.79 24.44 -11.32
CA ARG B 31 3.90 23.89 -12.16
C ARG B 31 4.03 22.38 -11.91
N ALA B 32 3.68 21.93 -10.69
CA ALA B 32 3.58 20.50 -10.30
C ALA B 32 2.37 19.91 -11.02
N PHE B 33 2.54 18.73 -11.63
CA PHE B 33 1.45 17.95 -12.28
C PHE B 33 1.39 16.57 -11.61
N ARG B 34 0.71 16.47 -10.46
CA ARG B 34 0.40 15.19 -9.77
C ARG B 34 -0.09 14.20 -10.82
N LEU B 35 0.25 12.94 -10.60
CA LEU B 35 0.46 11.95 -11.67
C LEU B 35 -0.84 11.25 -12.09
N ARG B 36 -2.03 11.66 -11.65
CA ARG B 36 -3.32 11.10 -12.16
C ARG B 36 -3.63 11.74 -13.52
N GLU B 37 -3.25 13.01 -13.69
CA GLU B 37 -3.57 13.82 -14.89
C GLU B 37 -2.43 13.61 -15.88
N LEU B 38 -1.45 12.80 -15.50
CA LEU B 38 -0.26 12.52 -16.34
C LEU B 38 -0.43 11.13 -17.00
N ARG B 39 -1.08 10.24 -16.27
CA ARG B 39 -1.40 8.88 -16.75
C ARG B 39 -2.63 9.00 -17.65
N ALA B 40 -3.35 10.12 -17.57
CA ALA B 40 -4.53 10.33 -18.45
C ALA B 40 -4.05 11.01 -19.74
N ALA B 41 -2.79 11.45 -19.78
CA ALA B 41 -2.25 12.08 -21.01
C ALA B 41 -2.36 11.04 -22.13
N GLN B 42 -1.90 9.82 -21.85
CA GLN B 42 -2.06 8.70 -22.79
C GLN B 42 -3.27 7.93 -22.28
N SER B 43 -4.43 8.13 -22.90
CA SER B 43 -5.74 7.53 -22.50
C SER B 43 -5.57 6.11 -21.95
N LEU B 44 -5.30 5.99 -20.64
CA LEU B 44 -5.10 4.68 -19.98
C LEU B 44 -5.93 4.65 -18.71
N THR B 45 -6.21 3.46 -18.19
CA THR B 45 -7.00 3.36 -16.94
C THR B 45 -6.13 2.71 -15.86
N GLN B 46 -6.40 3.07 -14.60
CA GLN B 46 -5.67 2.54 -13.43
C GLN B 46 -5.50 1.03 -13.56
N VAL B 47 -6.61 0.34 -13.85
CA VAL B 47 -6.61 -1.15 -13.99
C VAL B 47 -5.47 -1.55 -14.92
N GLN B 48 -5.26 -0.75 -15.97
CA GLN B 48 -4.27 -1.02 -17.04
C GLN B 48 -2.88 -0.65 -16.54
N VAL B 49 -2.75 0.44 -15.77
CA VAL B 49 -1.40 0.91 -15.30
C VAL B 49 -0.94 -0.04 -14.22
N ALA B 50 -1.90 -0.55 -13.44
CA ALA B 50 -1.69 -1.41 -12.26
C ALA B 50 -1.33 -2.82 -12.73
N ALA B 51 -1.53 -3.13 -14.02
CA ALA B 51 -1.39 -4.51 -14.53
C ALA B 51 -0.08 -4.68 -15.32
N LEU B 52 0.45 -3.57 -15.86
CA LEU B 52 1.81 -3.61 -16.47
C LEU B 52 2.83 -3.07 -15.46
N ALA B 53 2.39 -2.40 -14.39
CA ALA B 53 3.26 -2.07 -13.22
C ALA B 53 3.36 -3.27 -12.29
N HIS B 54 2.38 -4.17 -12.31
CA HIS B 54 2.33 -5.42 -11.51
C HIS B 54 2.35 -5.01 -10.05
N ILE B 55 1.35 -4.21 -9.66
CA ILE B 55 1.11 -3.70 -8.27
C ILE B 55 -0.41 -3.55 -8.03
N ARG B 56 -0.86 -3.83 -6.82
CA ARG B 56 -2.31 -3.86 -6.48
C ARG B 56 -2.95 -2.52 -6.81
N GLN B 57 -4.14 -2.54 -7.41
CA GLN B 57 -4.92 -1.32 -7.74
C GLN B 57 -5.15 -0.48 -6.48
N SER B 58 -5.11 -1.11 -5.30
CA SER B 58 -5.06 -0.39 -4.00
C SER B 58 -4.02 0.73 -4.12
N ARG B 59 -2.79 0.35 -4.47
CA ARG B 59 -1.61 1.26 -4.44
C ARG B 59 -1.76 2.38 -5.48
N VAL B 60 -2.41 2.11 -6.61
CA VAL B 60 -2.53 3.15 -7.67
C VAL B 60 -3.48 4.23 -7.15
N SER B 61 -4.63 3.84 -6.57
CA SER B 61 -5.71 4.75 -6.11
C SER B 61 -5.11 5.74 -5.08
N SER B 62 -4.39 5.19 -4.11
CA SER B 62 -3.75 5.98 -3.03
C SER B 62 -2.81 7.02 -3.63
N ILE B 63 -1.89 6.59 -4.49
CA ILE B 63 -0.87 7.54 -5.03
C ILE B 63 -1.45 8.41 -6.15
N GLU B 64 -2.51 7.96 -6.82
CA GLU B 64 -3.13 8.75 -7.92
C GLU B 64 -4.06 9.82 -7.30
N ASN B 65 -4.48 9.57 -6.05
CA ASN B 65 -5.36 10.48 -5.27
C ASN B 65 -4.77 11.88 -5.24
N GLY B 66 -3.50 12.01 -4.82
CA GLY B 66 -2.82 13.31 -4.78
C GLY B 66 -1.73 13.33 -3.72
N ASP B 67 -1.54 12.22 -3.02
CA ASP B 67 -0.51 12.14 -1.95
C ASP B 67 0.61 11.18 -2.37
N ILE B 68 1.85 11.66 -2.32
CA ILE B 68 3.02 10.82 -2.68
C ILE B 68 3.99 10.87 -1.50
N GLY B 69 3.67 10.17 -0.42
CA GLY B 69 4.52 10.19 0.78
C GLY B 69 4.58 8.80 1.32
N SER B 70 3.47 8.40 1.91
CA SER B 70 3.06 7.00 2.08
C SER B 70 3.88 6.15 1.11
N ALA B 71 3.74 6.42 -0.19
CA ALA B 71 4.15 5.56 -1.32
C ALA B 71 5.65 5.30 -1.31
N GLN B 72 6.08 4.08 -1.59
CA GLN B 72 7.52 3.70 -1.63
C GLN B 72 8.11 4.39 -2.83
N VAL B 73 9.43 4.40 -2.95
CA VAL B 73 10.11 4.89 -4.18
C VAL B 73 9.93 3.84 -5.28
N ASN B 74 10.35 2.61 -5.04
CA ASN B 74 10.24 1.52 -6.04
C ASN B 74 8.80 1.46 -6.56
N THR B 75 7.82 1.55 -5.66
CA THR B 75 6.39 1.53 -6.03
C THR B 75 6.15 2.62 -7.08
N LEU B 76 6.54 3.84 -6.73
CA LEU B 76 6.41 5.04 -7.60
C LEU B 76 7.16 4.78 -8.93
N ARG B 77 8.47 4.52 -8.85
CA ARG B 77 9.35 4.20 -10.01
C ARG B 77 8.64 3.27 -11.00
N LYS B 78 7.97 2.22 -10.51
CA LYS B 78 7.30 1.17 -11.33
C LYS B 78 6.09 1.74 -12.06
N TYR B 79 5.26 2.50 -11.32
CA TYR B 79 4.07 3.27 -11.78
C TYR B 79 4.44 4.29 -12.85
N VAL B 80 5.65 4.85 -12.86
CA VAL B 80 6.08 5.87 -13.88
C VAL B 80 6.66 5.16 -15.10
N SER B 81 7.46 4.11 -14.90
CA SER B 81 7.95 3.17 -15.96
C SER B 81 6.78 2.68 -16.83
N ALA B 82 5.59 2.53 -16.21
CA ALA B 82 4.32 2.10 -16.86
C ALA B 82 3.98 3.08 -17.98
N LEU B 83 4.06 4.38 -17.71
CA LEU B 83 3.66 5.44 -18.66
C LEU B 83 4.75 5.62 -19.73
N GLY B 84 5.84 4.86 -19.62
CA GLY B 84 6.97 4.91 -20.57
C GLY B 84 7.82 6.13 -20.30
N GLY B 85 7.74 6.66 -19.07
CA GLY B 85 8.61 7.73 -18.54
C GLY B 85 9.66 7.19 -17.56
N GLU B 86 10.64 8.05 -17.22
CA GLU B 86 11.68 7.80 -16.20
C GLU B 86 11.50 8.81 -15.05
N LEU B 87 11.90 8.42 -13.84
CA LEU B 87 11.73 9.18 -12.58
C LEU B 87 13.11 9.52 -12.04
N ASP B 88 13.32 10.80 -11.71
CA ASP B 88 14.62 11.28 -11.15
C ASP B 88 14.41 12.01 -9.81
N ILE B 89 15.13 11.55 -8.78
CA ILE B 89 15.22 12.20 -7.44
C ILE B 89 16.54 12.98 -7.36
N THR B 90 16.42 14.30 -7.47
CA THR B 90 17.51 15.31 -7.43
C THR B 90 17.46 15.95 -6.04
N VAL B 91 18.64 16.21 -5.46
CA VAL B 91 18.71 16.78 -4.09
C VAL B 91 19.34 18.18 -4.16
N ARG B 92 18.70 19.17 -3.55
CA ARG B 92 19.24 20.53 -3.58
C ARG B 92 19.39 21.07 -2.16
N LEU B 93 20.59 21.53 -1.82
CA LEU B 93 20.92 22.13 -0.51
C LEU B 93 21.88 23.29 -0.79
N GLY B 94 21.58 24.49 -0.31
CA GLY B 94 22.45 25.62 -0.63
C GLY B 94 22.53 25.81 -2.13
N ASP B 95 23.56 25.24 -2.77
CA ASP B 95 23.69 25.39 -4.24
C ASP B 95 24.31 24.13 -4.86
N GLU B 96 24.14 22.97 -4.23
CA GLU B 96 24.70 21.71 -4.78
C GLU B 96 23.55 20.84 -5.29
N THR B 97 23.77 20.06 -6.36
CA THR B 97 22.67 19.20 -6.90
C THR B 97 23.23 17.90 -7.46
N PHE B 98 22.49 16.81 -7.27
CA PHE B 98 22.84 15.44 -7.72
C PHE B 98 21.62 14.51 -7.50
N THR B 99 21.64 13.38 -8.18
CA THR B 99 20.51 12.43 -8.25
C THR B 99 20.74 11.28 -7.26
N LEU B 100 19.65 10.65 -6.84
CA LEU B 100 19.65 9.39 -6.05
C LEU B 100 18.99 8.30 -6.86
N ARG C 31 -1.14 -6.51 27.44
CA ARG C 31 -0.66 -7.92 27.57
C ARG C 31 -0.06 -8.40 26.22
N ALA C 32 0.67 -7.50 25.51
CA ALA C 32 1.27 -7.69 24.16
C ALA C 32 2.48 -6.76 23.89
N PHE C 33 3.71 -7.21 24.23
CA PHE C 33 5.06 -6.59 24.02
C PHE C 33 4.96 -5.05 23.80
N ARG C 34 5.87 -4.46 23.02
CA ARG C 34 5.91 -2.98 22.96
C ARG C 34 5.64 -2.42 21.57
N LEU C 35 5.13 -1.18 21.57
CA LEU C 35 4.84 -0.38 20.36
C LEU C 35 5.33 1.04 20.65
N ARG C 36 5.32 1.40 21.93
CA ARG C 36 5.78 2.73 22.43
C ARG C 36 7.26 2.90 22.07
N GLU C 37 8.07 1.84 22.14
CA GLU C 37 9.51 1.94 21.79
C GLU C 37 9.69 2.53 20.39
N LEU C 38 8.82 2.16 19.44
CA LEU C 38 8.94 2.75 18.09
C LEU C 38 8.78 4.27 18.23
N ARG C 39 7.82 4.70 19.03
CA ARG C 39 7.61 6.16 19.23
C ARG C 39 8.91 6.78 19.72
N ALA C 40 9.54 6.17 20.73
CA ALA C 40 10.82 6.68 21.27
C ALA C 40 11.94 6.48 20.25
N ALA C 41 11.84 5.45 19.40
CA ALA C 41 12.85 5.15 18.36
C ALA C 41 12.92 6.27 17.31
N GLN C 42 11.84 7.01 17.09
CA GLN C 42 11.81 8.17 16.15
C GLN C 42 12.09 9.46 16.91
N SER C 43 12.59 9.36 18.14
CA SER C 43 12.91 10.54 18.98
C SER C 43 11.70 11.46 19.03
N LEU C 44 10.57 10.97 19.55
CA LEU C 44 9.35 11.78 19.65
C LEU C 44 8.78 11.61 21.06
N THR C 45 8.39 12.72 21.68
CA THR C 45 7.84 12.74 23.05
C THR C 45 6.39 12.29 22.97
N GLN C 46 5.90 11.68 24.06
CA GLN C 46 4.47 11.32 24.27
C GLN C 46 3.64 12.54 23.83
N VAL C 47 4.01 13.76 24.25
CA VAL C 47 3.18 14.97 23.99
C VAL C 47 3.33 15.48 22.55
N GLN C 48 4.50 15.35 21.94
CA GLN C 48 4.74 15.86 20.57
C GLN C 48 3.83 15.11 19.60
N VAL C 49 3.58 13.85 19.90
CA VAL C 49 2.64 12.96 19.17
C VAL C 49 1.22 13.47 19.32
N ALA C 50 0.73 13.56 20.56
CA ALA C 50 -0.66 13.94 20.90
C ALA C 50 -1.07 15.20 20.13
N ALA C 51 -0.10 16.09 19.92
CA ALA C 51 -0.26 17.33 19.11
C ALA C 51 -0.47 16.99 17.62
N LEU C 52 0.32 16.07 17.08
CA LEU C 52 0.20 15.66 15.66
C LEU C 52 -1.14 14.94 15.41
N ALA C 53 -1.53 14.02 16.28
CA ALA C 53 -2.82 13.30 16.16
C ALA C 53 -3.99 14.26 16.39
N HIS C 54 -3.73 15.30 17.20
CA HIS C 54 -4.73 16.30 17.69
C HIS C 54 -5.70 15.54 18.60
N ILE C 55 -5.16 14.87 19.61
CA ILE C 55 -5.98 14.05 20.54
C ILE C 55 -5.54 14.31 21.97
N ARG C 56 -6.43 14.05 22.94
CA ARG C 56 -6.14 14.26 24.37
C ARG C 56 -4.83 13.55 24.72
N GLN C 57 -3.91 14.26 25.37
CA GLN C 57 -2.61 13.67 25.76
C GLN C 57 -2.85 12.39 26.56
N SER C 58 -3.74 12.45 27.55
CA SER C 58 -4.09 11.32 28.45
C SER C 58 -4.21 10.00 27.68
N ARG C 59 -5.01 9.98 26.61
CA ARG C 59 -5.17 8.73 25.82
C ARG C 59 -3.81 8.20 25.36
N VAL C 60 -2.93 9.06 24.85
CA VAL C 60 -1.59 8.61 24.37
C VAL C 60 -0.91 7.79 25.46
N SER C 61 -1.01 8.24 26.71
CA SER C 61 -0.45 7.45 27.86
C SER C 61 -1.09 6.08 27.78
N SER C 62 -2.43 6.05 27.82
CA SER C 62 -3.26 4.82 28.00
C SER C 62 -3.14 3.89 26.78
N ILE C 63 -2.66 4.38 25.62
CA ILE C 63 -2.31 3.52 24.44
C ILE C 63 -0.99 2.78 24.71
N GLU C 64 0.14 3.48 24.75
CA GLU C 64 1.47 2.83 24.91
C GLU C 64 1.45 1.92 26.14
N ASN C 65 0.50 2.14 27.08
CA ASN C 65 0.25 1.28 28.28
C ASN C 65 -0.27 -0.11 27.84
N GLY C 66 -0.81 -0.23 26.63
CA GLY C 66 -1.36 -1.49 26.07
C GLY C 66 -2.87 -1.54 26.19
N ASP C 67 -3.47 -0.56 26.89
CA ASP C 67 -4.95 -0.52 27.06
C ASP C 67 -5.58 0.15 25.84
N ILE C 68 -5.89 -0.64 24.81
CA ILE C 68 -6.52 -0.11 23.56
C ILE C 68 -8.02 -0.34 23.63
N GLY C 69 -8.46 -1.22 24.53
CA GLY C 69 -9.88 -1.57 24.68
C GLY C 69 -10.81 -0.36 24.72
N SER C 70 -10.46 0.66 25.49
CA SER C 70 -11.34 1.86 25.64
C SER C 70 -10.99 2.94 24.61
N ALA C 71 -10.21 2.62 23.58
CA ALA C 71 -9.84 3.67 22.61
C ALA C 71 -10.88 3.76 21.48
N GLN C 72 -10.60 4.63 20.50
CA GLN C 72 -11.49 4.82 19.33
C GLN C 72 -10.64 4.61 18.08
N VAL C 73 -11.14 3.79 17.15
CA VAL C 73 -10.41 3.43 15.89
C VAL C 73 -9.80 4.67 15.24
N ASN C 74 -10.64 5.65 14.88
CA ASN C 74 -10.16 6.88 14.22
C ASN C 74 -9.01 7.46 15.03
N THR C 75 -9.25 7.66 16.33
CA THR C 75 -8.22 8.19 17.27
C THR C 75 -6.96 7.37 17.09
N LEU C 76 -7.09 6.05 17.24
CA LEU C 76 -5.94 5.12 17.12
C LEU C 76 -5.28 5.29 15.76
N ARG C 77 -6.08 5.34 14.69
CA ARG C 77 -5.57 5.42 13.30
C ARG C 77 -4.62 6.60 13.23
N LYS C 78 -5.08 7.80 13.64
CA LYS C 78 -4.32 9.09 13.67
C LYS C 78 -2.96 8.85 14.33
N TYR C 79 -2.98 8.30 15.55
CA TYR C 79 -1.78 7.98 16.35
C TYR C 79 -0.73 7.31 15.45
N VAL C 80 -1.13 6.24 14.75
CA VAL C 80 -0.17 5.43 13.93
C VAL C 80 0.13 6.20 12.64
N SER C 81 -0.87 6.68 11.92
CA SER C 81 -0.65 7.56 10.75
C SER C 81 0.42 8.57 11.14
N ALA C 82 0.44 9.01 12.40
CA ALA C 82 1.39 10.00 12.96
C ALA C 82 2.81 9.45 12.91
N LEU C 83 3.09 8.36 13.61
CA LEU C 83 4.45 7.74 13.71
C LEU C 83 5.01 7.37 12.33
N GLY C 84 4.20 7.46 11.26
CA GLY C 84 4.65 7.38 9.86
C GLY C 84 4.09 6.16 9.14
N GLY C 85 3.14 5.45 9.76
CA GLY C 85 2.68 4.11 9.33
C GLY C 85 1.19 4.07 9.02
N GLU C 86 0.72 2.89 8.58
CA GLU C 86 -0.64 2.64 8.01
C GLU C 86 -1.32 1.63 8.93
N LEU C 87 -2.65 1.69 9.07
CA LEU C 87 -3.45 0.82 9.99
C LEU C 87 -4.43 -0.06 9.21
N ASP C 88 -4.57 -1.33 9.60
CA ASP C 88 -5.43 -2.34 8.88
C ASP C 88 -6.25 -3.13 9.91
N ILE C 89 -7.58 -3.04 9.83
CA ILE C 89 -8.57 -3.63 10.80
C ILE C 89 -9.41 -4.66 10.06
N THR C 90 -9.07 -5.92 10.23
CA THR C 90 -9.60 -7.05 9.43
C THR C 90 -10.22 -8.06 10.39
N VAL C 91 -11.15 -8.87 9.86
CA VAL C 91 -12.03 -9.82 10.60
C VAL C 91 -11.98 -11.20 9.94
N ARG C 92 -11.76 -12.25 10.75
CA ARG C 92 -11.76 -13.67 10.31
C ARG C 92 -13.02 -14.36 10.85
N LEU C 93 -14.01 -14.52 9.96
CA LEU C 93 -15.21 -15.39 10.12
C LEU C 93 -14.84 -16.75 9.49
N GLY C 94 -14.68 -17.82 10.29
CA GLY C 94 -14.34 -19.19 9.83
C GLY C 94 -13.09 -19.24 8.95
N ASP C 95 -13.26 -19.47 7.64
CA ASP C 95 -12.21 -19.71 6.62
C ASP C 95 -11.74 -18.39 5.98
N GLU C 96 -12.69 -17.47 5.71
CA GLU C 96 -12.47 -16.20 4.96
C GLU C 96 -11.97 -15.12 5.95
N THR C 97 -11.33 -14.05 5.43
CA THR C 97 -10.91 -12.81 6.16
C THR C 97 -11.53 -11.57 5.46
N PHE C 98 -11.87 -10.52 6.20
CA PHE C 98 -12.64 -9.34 5.70
C PHE C 98 -12.07 -8.01 6.25
N THR C 99 -11.85 -7.03 5.37
CA THR C 99 -11.28 -5.71 5.73
C THR C 99 -12.41 -4.74 6.07
N LEU C 100 -12.05 -3.58 6.60
CA LEU C 100 -12.96 -2.45 6.88
C LEU C 100 -12.23 -1.13 6.69
N PHE D 33 -12.07 -4.52 1.66
CA PHE D 33 -13.23 -3.66 1.32
C PHE D 33 -14.38 -3.97 2.29
N ARG D 34 -15.39 -4.72 1.81
CA ARG D 34 -16.59 -5.12 2.59
C ARG D 34 -17.33 -3.88 3.11
N LEU D 35 -17.93 -4.03 4.30
CA LEU D 35 -18.69 -2.94 4.97
C LEU D 35 -18.92 -3.33 6.42
N ARG D 36 -20.08 -2.98 6.98
CA ARG D 36 -20.39 -3.33 8.39
C ARG D 36 -21.54 -4.33 8.44
N GLU D 37 -22.49 -4.28 7.51
CA GLU D 37 -23.63 -5.23 7.55
C GLU D 37 -23.13 -6.65 7.28
N LEU D 38 -22.69 -7.35 8.33
CA LEU D 38 -22.22 -8.74 8.21
C LEU D 38 -23.16 -9.64 9.03
N ARG D 39 -24.15 -9.05 9.70
CA ARG D 39 -25.16 -9.84 10.41
C ARG D 39 -26.02 -10.46 9.31
N ALA D 40 -26.30 -9.67 8.28
CA ALA D 40 -27.06 -10.14 7.11
C ALA D 40 -26.43 -11.43 6.61
N ALA D 41 -25.09 -11.54 6.65
CA ALA D 41 -24.45 -12.80 6.21
C ALA D 41 -25.04 -13.95 7.03
N GLN D 42 -25.07 -13.81 8.37
CA GLN D 42 -25.66 -14.83 9.27
C GLN D 42 -27.17 -14.62 9.36
N SER D 43 -27.68 -13.52 8.81
CA SER D 43 -29.12 -13.16 8.81
C SER D 43 -29.61 -13.12 10.25
N LEU D 44 -29.14 -12.13 11.00
CA LEU D 44 -29.54 -11.94 12.42
C LEU D 44 -29.99 -10.50 12.58
N THR D 45 -30.93 -10.25 13.49
CA THR D 45 -31.42 -8.86 13.74
C THR D 45 -30.45 -8.19 14.71
N GLN D 46 -30.49 -6.86 14.83
CA GLN D 46 -29.69 -6.09 15.82
C GLN D 46 -29.91 -6.68 17.22
N VAL D 47 -31.16 -6.93 17.58
CA VAL D 47 -31.55 -7.27 18.97
C VAL D 47 -31.06 -8.70 19.28
N GLN D 48 -30.80 -9.50 18.26
CA GLN D 48 -30.10 -10.80 18.46
C GLN D 48 -28.61 -10.56 18.70
N VAL D 49 -27.97 -9.64 17.95
CA VAL D 49 -26.50 -9.43 17.99
C VAL D 49 -26.11 -8.79 19.32
N ALA D 50 -26.92 -7.83 19.78
CA ALA D 50 -26.77 -7.13 21.07
C ALA D 50 -26.95 -8.13 22.24
N ALA D 51 -27.92 -9.02 22.14
CA ALA D 51 -28.13 -10.07 23.16
C ALA D 51 -26.84 -10.88 23.23
N LEU D 52 -26.40 -11.44 22.11
CA LEU D 52 -25.15 -12.21 22.02
C LEU D 52 -23.97 -11.35 22.49
N ALA D 53 -23.85 -10.12 21.97
CA ALA D 53 -22.67 -9.25 22.24
C ALA D 53 -22.60 -8.84 23.73
N HIS D 54 -23.73 -8.88 24.42
CA HIS D 54 -23.93 -8.32 25.78
C HIS D 54 -23.61 -6.81 25.77
N ILE D 55 -24.23 -6.06 24.86
CA ILE D 55 -24.03 -4.59 24.66
C ILE D 55 -25.39 -3.97 24.35
N ARG D 56 -25.59 -2.68 24.62
CA ARG D 56 -26.95 -2.10 24.55
C ARG D 56 -27.37 -2.10 23.05
N GLN D 57 -28.65 -2.35 22.73
CA GLN D 57 -29.11 -2.38 21.32
C GLN D 57 -28.63 -1.11 20.64
N SER D 58 -28.56 -0.03 21.44
CA SER D 58 -28.19 1.36 21.05
C SER D 58 -26.79 1.44 20.42
N ARG D 59 -25.76 0.86 21.07
CA ARG D 59 -24.34 0.81 20.59
C ARG D 59 -24.32 0.18 19.19
N VAL D 60 -25.08 -0.87 19.00
CA VAL D 60 -25.06 -1.59 17.70
C VAL D 60 -25.45 -0.61 16.59
N SER D 61 -26.63 0.00 16.71
CA SER D 61 -27.20 0.93 15.70
C SER D 61 -26.13 1.96 15.29
N SER D 62 -25.43 2.53 16.28
CA SER D 62 -24.39 3.56 16.07
C SER D 62 -23.28 2.99 15.21
N ILE D 63 -22.76 1.81 15.56
CA ILE D 63 -21.62 1.15 14.84
C ILE D 63 -22.06 0.81 13.41
N GLU D 64 -23.18 0.11 13.23
CA GLU D 64 -23.61 -0.45 11.92
C GLU D 64 -23.64 0.70 10.90
N ASN D 65 -24.34 1.75 11.33
CA ASN D 65 -24.66 3.01 10.61
C ASN D 65 -23.38 3.64 10.05
N GLY D 66 -22.86 3.08 8.96
CA GLY D 66 -21.63 3.58 8.31
C GLY D 66 -20.57 3.82 9.37
N ASP D 67 -20.48 5.09 9.79
CA ASP D 67 -19.59 5.63 10.85
C ASP D 67 -18.12 5.25 10.61
N ILE D 68 -17.85 4.43 9.59
CA ILE D 68 -16.50 3.93 9.24
C ILE D 68 -15.77 3.51 10.52
N GLY D 69 -14.84 4.34 10.99
CA GLY D 69 -14.11 4.02 12.24
C GLY D 69 -14.89 4.53 13.44
N SER D 70 -14.35 5.55 14.11
CA SER D 70 -14.89 6.27 15.29
C SER D 70 -15.96 5.48 16.05
N ALA D 71 -15.61 4.32 16.60
CA ALA D 71 -16.64 3.53 17.31
C ALA D 71 -15.99 2.56 18.30
N GLN D 72 -15.20 3.07 19.24
CA GLN D 72 -14.54 2.27 20.31
C GLN D 72 -13.60 1.18 19.78
N VAL D 73 -13.26 0.21 20.64
CA VAL D 73 -12.36 -0.90 20.22
C VAL D 73 -12.85 -2.16 20.91
N ASN D 74 -12.90 -2.14 22.25
CA ASN D 74 -13.36 -3.34 22.98
C ASN D 74 -14.78 -3.66 22.53
N THR D 75 -15.64 -2.64 22.47
CA THR D 75 -17.02 -2.79 21.97
C THR D 75 -16.97 -3.54 20.65
N LEU D 76 -16.18 -3.06 19.70
CA LEU D 76 -16.06 -3.71 18.38
C LEU D 76 -15.70 -5.18 18.55
N ARG D 77 -14.61 -5.47 19.27
CA ARG D 77 -14.14 -6.84 19.55
C ARG D 77 -15.35 -7.67 20.00
N LYS D 78 -16.24 -7.10 20.82
CA LYS D 78 -17.41 -7.79 21.45
C LYS D 78 -18.45 -8.20 20.39
N TYR D 79 -18.76 -7.29 19.44
CA TYR D 79 -19.67 -7.45 18.28
C TYR D 79 -19.17 -8.51 17.30
N VAL D 80 -17.89 -8.46 16.94
CA VAL D 80 -17.26 -9.42 15.98
C VAL D 80 -17.20 -10.79 16.64
N SER D 81 -16.68 -10.85 17.86
CA SER D 81 -16.65 -12.16 18.56
C SER D 81 -18.10 -12.67 18.65
N ALA D 82 -19.03 -11.73 18.61
CA ALA D 82 -20.48 -12.06 18.68
C ALA D 82 -20.82 -13.03 17.56
N LEU D 83 -20.39 -12.76 16.33
CA LEU D 83 -20.68 -13.68 15.20
C LEU D 83 -19.46 -14.56 14.94
N GLY D 84 -18.80 -15.02 15.99
CA GLY D 84 -17.60 -15.88 15.84
C GLY D 84 -16.53 -15.18 15.05
N GLY D 85 -15.93 -14.12 15.61
CA GLY D 85 -14.89 -13.39 14.90
C GLY D 85 -13.60 -13.30 15.70
N GLU D 86 -12.50 -12.97 15.02
CA GLU D 86 -11.18 -12.81 15.66
C GLU D 86 -10.59 -11.49 15.17
N LEU D 87 -11.17 -10.37 15.60
CA LEU D 87 -10.76 -9.02 15.16
C LEU D 87 -9.24 -8.86 15.25
N ASP D 88 -8.61 -8.59 14.11
CA ASP D 88 -7.16 -8.33 14.02
C ASP D 88 -6.97 -6.85 13.74
N ILE D 89 -6.29 -6.16 14.66
CA ILE D 89 -5.77 -4.78 14.42
C ILE D 89 -4.27 -4.93 14.17
N THR D 90 -3.89 -4.91 12.90
CA THR D 90 -2.50 -5.04 12.40
C THR D 90 -1.97 -3.62 12.18
N VAL D 91 -0.65 -3.40 12.31
CA VAL D 91 -0.02 -2.08 11.99
C VAL D 91 1.05 -2.25 10.92
N ARG D 92 0.84 -1.56 9.79
CA ARG D 92 1.60 -1.63 8.52
C ARG D 92 2.62 -0.49 8.56
N LEU D 93 3.90 -0.84 8.70
CA LEU D 93 4.99 0.16 8.68
C LEU D 93 6.08 -0.29 7.70
N GLY D 94 6.17 0.37 6.54
CA GLY D 94 6.90 -0.16 5.38
C GLY D 94 6.61 -1.66 5.25
N ASP D 95 7.47 -2.50 5.84
CA ASP D 95 7.47 -3.98 5.65
C ASP D 95 7.32 -4.71 6.98
N GLU D 96 8.22 -4.43 7.94
CA GLU D 96 8.15 -4.91 9.36
C GLU D 96 6.74 -4.52 9.87
N THR D 97 5.92 -5.48 10.32
CA THR D 97 4.55 -5.19 10.83
C THR D 97 4.16 -6.12 11.98
N PHE D 98 3.03 -5.83 12.62
CA PHE D 98 2.54 -6.59 13.80
C PHE D 98 1.09 -6.21 14.12
N THR D 99 0.53 -6.86 15.14
CA THR D 99 -0.86 -6.71 15.62
C THR D 99 -0.85 -6.03 16.99
N LEU D 100 -2.04 -5.75 17.58
CA LEU D 100 -2.17 -5.00 18.87
C LEU D 100 -2.97 -5.83 19.88
N ALA D 101 -4.27 -6.00 19.66
CA ALA D 101 -5.16 -6.84 20.48
C ALA D 101 -5.83 -7.89 19.56
N VAL E 30 -4.30 -6.74 -2.74
CA VAL E 30 -3.67 -8.07 -2.49
C VAL E 30 -3.57 -8.82 -3.81
N ARG E 31 -2.51 -9.62 -3.97
CA ARG E 31 -2.26 -10.50 -5.15
C ARG E 31 -2.01 -9.73 -6.45
N ALA E 32 -1.61 -8.45 -6.38
CA ALA E 32 -1.32 -7.63 -7.57
C ALA E 32 -2.45 -7.72 -8.60
N PHE E 33 -2.09 -7.92 -9.88
CA PHE E 33 -3.00 -8.07 -11.05
C PHE E 33 -2.16 -8.18 -12.33
N ARG E 34 -2.58 -9.00 -13.31
CA ARG E 34 -1.85 -9.15 -14.59
C ARG E 34 -2.78 -9.77 -15.64
N LEU E 35 -2.89 -9.16 -16.83
CA LEU E 35 -3.83 -9.64 -17.88
C LEU E 35 -3.21 -9.57 -19.27
N ARG E 36 -3.78 -8.74 -20.14
CA ARG E 36 -3.29 -8.53 -21.53
C ARG E 36 -2.14 -7.52 -21.48
N GLU E 37 -2.16 -6.66 -20.45
CA GLU E 37 -1.10 -5.67 -20.17
C GLU E 37 0.24 -6.37 -20.39
N LEU E 38 0.42 -7.58 -19.82
CA LEU E 38 1.61 -8.46 -20.04
C LEU E 38 1.96 -8.60 -21.54
N ARG E 39 0.93 -8.70 -22.37
CA ARG E 39 1.08 -9.02 -23.80
C ARG E 39 1.81 -7.83 -24.42
N ALA E 40 1.35 -6.64 -24.03
CA ALA E 40 1.83 -5.29 -24.42
C ALA E 40 3.06 -4.82 -23.60
N ALA E 41 3.20 -5.23 -22.35
CA ALA E 41 4.38 -4.83 -21.54
C ALA E 41 5.66 -5.20 -22.30
N GLN E 42 5.68 -6.28 -23.06
CA GLN E 42 6.92 -6.64 -23.77
C GLN E 42 7.04 -5.77 -25.05
N SER E 43 6.18 -4.74 -25.20
CA SER E 43 6.00 -3.90 -26.42
C SER E 43 5.60 -4.73 -27.66
N LEU E 44 4.41 -5.33 -27.55
CA LEU E 44 3.83 -6.20 -28.61
C LEU E 44 2.36 -5.86 -28.87
N THR E 45 2.11 -5.38 -30.09
CA THR E 45 0.83 -5.11 -30.77
C THR E 45 -0.03 -6.38 -30.83
N GLN E 46 -1.35 -6.26 -30.83
CA GLN E 46 -2.21 -7.44 -31.09
C GLN E 46 -1.63 -8.15 -32.32
N VAL E 47 -1.33 -7.39 -33.36
CA VAL E 47 -0.92 -7.95 -34.68
C VAL E 47 0.48 -8.58 -34.62
N GLN E 48 1.34 -8.18 -33.70
CA GLN E 48 2.70 -8.75 -33.61
C GLN E 48 2.61 -10.22 -33.18
N VAL E 49 1.86 -10.54 -32.11
CA VAL E 49 1.72 -11.93 -31.55
C VAL E 49 0.86 -12.76 -32.51
N ALA E 50 -0.07 -12.12 -33.23
CA ALA E 50 -0.94 -12.82 -34.21
C ALA E 50 -0.05 -13.56 -35.21
N ALA E 51 1.08 -12.94 -35.60
CA ALA E 51 2.04 -13.54 -36.55
C ALA E 51 3.03 -14.41 -35.79
N LEU E 52 3.31 -14.09 -34.52
CA LEU E 52 4.33 -14.84 -33.71
C LEU E 52 3.87 -16.25 -33.42
N ALA E 53 2.57 -16.38 -33.08
CA ALA E 53 1.83 -17.62 -32.74
C ALA E 53 1.15 -18.20 -33.98
N HIS E 54 1.29 -17.58 -35.14
CA HIS E 54 0.63 -18.04 -36.40
C HIS E 54 -0.82 -18.36 -36.05
N ILE E 55 -1.60 -17.33 -35.68
CA ILE E 55 -3.04 -17.43 -35.35
C ILE E 55 -3.79 -16.18 -35.85
N ARG E 56 -5.12 -16.26 -35.94
CA ARG E 56 -6.00 -15.13 -36.37
C ARG E 56 -5.75 -13.94 -35.42
N GLN E 57 -5.40 -12.77 -35.93
CA GLN E 57 -5.31 -11.53 -35.13
C GLN E 57 -6.68 -11.29 -34.47
N SER E 58 -7.79 -11.68 -35.10
CA SER E 58 -9.17 -11.46 -34.57
C SER E 58 -9.55 -12.58 -33.59
N ARG E 59 -8.63 -13.52 -33.31
CA ARG E 59 -8.68 -14.53 -32.21
C ARG E 59 -7.84 -14.09 -31.01
N VAL E 60 -6.72 -13.41 -31.25
CA VAL E 60 -5.90 -12.74 -30.22
C VAL E 60 -6.82 -11.77 -29.46
N SER E 61 -7.43 -10.82 -30.17
CA SER E 61 -8.36 -9.84 -29.58
C SER E 61 -9.38 -10.56 -28.69
N SER E 62 -10.04 -11.58 -29.22
CA SER E 62 -11.02 -12.40 -28.46
C SER E 62 -10.40 -12.86 -27.15
N ILE E 63 -9.21 -13.43 -27.21
CA ILE E 63 -8.51 -13.93 -25.98
C ILE E 63 -8.26 -12.73 -25.08
N GLU E 64 -7.45 -11.78 -25.55
CA GLU E 64 -7.08 -10.54 -24.79
C GLU E 64 -8.33 -9.89 -24.18
N ASN E 65 -9.38 -9.71 -24.98
CA ASN E 65 -10.65 -9.08 -24.48
C ASN E 65 -11.21 -9.83 -23.27
N GLY E 66 -11.11 -11.16 -23.22
CA GLY E 66 -11.61 -11.89 -22.04
C GLY E 66 -12.42 -13.10 -22.44
N ASP E 67 -12.78 -13.17 -23.72
CA ASP E 67 -13.58 -14.31 -24.20
C ASP E 67 -12.66 -15.52 -24.39
N ILE E 68 -12.17 -16.10 -23.31
CA ILE E 68 -11.29 -17.30 -23.46
C ILE E 68 -12.15 -18.48 -23.89
N GLY E 69 -13.38 -18.54 -23.38
CA GLY E 69 -14.34 -19.64 -23.63
C GLY E 69 -14.34 -20.18 -25.05
N SER E 70 -14.41 -19.30 -26.06
CA SER E 70 -14.49 -19.74 -27.46
C SER E 70 -13.10 -19.77 -28.10
N ALA E 71 -12.10 -20.38 -27.44
CA ALA E 71 -10.76 -20.41 -28.06
C ALA E 71 -10.23 -21.86 -28.13
N GLN E 72 -9.78 -22.28 -29.30
CA GLN E 72 -9.22 -23.65 -29.44
C GLN E 72 -8.01 -23.73 -28.51
N VAL E 73 -7.96 -24.77 -27.69
CA VAL E 73 -6.86 -24.96 -26.71
C VAL E 73 -5.51 -24.77 -27.42
N ASN E 74 -5.29 -25.41 -28.56
CA ASN E 74 -3.95 -25.39 -29.19
C ASN E 74 -3.62 -23.95 -29.55
N THR E 75 -4.60 -23.20 -30.05
CA THR E 75 -4.56 -21.71 -30.28
C THR E 75 -4.05 -20.99 -29.03
N LEU E 76 -4.76 -21.14 -27.92
CA LEU E 76 -4.45 -20.51 -26.60
C LEU E 76 -3.03 -20.84 -26.15
N ARG E 77 -2.64 -22.11 -26.19
CA ARG E 77 -1.26 -22.51 -25.80
C ARG E 77 -0.26 -21.66 -26.57
N LYS E 78 -0.42 -21.57 -27.90
CA LYS E 78 0.52 -20.91 -28.87
C LYS E 78 0.78 -19.45 -28.47
N TYR E 79 -0.30 -18.72 -28.20
CA TYR E 79 -0.33 -17.33 -27.67
C TYR E 79 0.57 -17.16 -26.43
N VAL E 80 0.31 -17.91 -25.38
CA VAL E 80 1.16 -17.96 -24.17
C VAL E 80 2.60 -18.40 -24.54
N SER E 81 2.80 -19.39 -25.41
CA SER E 81 4.13 -19.87 -25.86
C SER E 81 4.93 -18.69 -26.43
N ALA E 82 4.22 -17.81 -27.15
CA ALA E 82 4.72 -16.54 -27.76
C ALA E 82 5.11 -15.49 -26.71
N LEU E 83 4.46 -15.43 -25.55
CA LEU E 83 4.83 -14.47 -24.49
C LEU E 83 5.79 -15.12 -23.49
N GLY E 84 6.41 -16.26 -23.82
CA GLY E 84 7.34 -17.00 -22.93
C GLY E 84 6.72 -17.37 -21.58
N GLY E 85 5.54 -17.96 -21.60
CA GLY E 85 4.95 -18.71 -20.47
C GLY E 85 4.59 -20.11 -20.92
N GLU E 86 3.87 -20.88 -20.10
CA GLU E 86 3.30 -22.18 -20.49
C GLU E 86 1.87 -22.32 -19.96
N LEU E 87 1.05 -23.06 -20.70
CA LEU E 87 -0.35 -23.36 -20.37
C LEU E 87 -0.39 -24.76 -19.75
N ASP E 88 -0.92 -24.88 -18.53
CA ASP E 88 -1.24 -26.16 -17.84
C ASP E 88 -2.75 -26.28 -17.62
N ILE E 89 -3.31 -27.38 -18.14
CA ILE E 89 -4.77 -27.68 -18.18
C ILE E 89 -5.01 -28.94 -17.37
N THR E 90 -5.33 -28.79 -16.08
CA THR E 90 -5.55 -29.92 -15.15
C THR E 90 -7.05 -30.05 -14.93
N VAL E 91 -7.48 -31.22 -14.48
CA VAL E 91 -8.91 -31.57 -14.23
C VAL E 91 -9.07 -31.92 -12.76
N ARG E 92 -9.93 -31.20 -12.04
CA ARG E 92 -10.12 -31.52 -10.60
C ARG E 92 -11.40 -32.32 -10.42
N LEU E 93 -11.37 -33.32 -9.55
CA LEU E 93 -12.56 -34.11 -9.20
C LEU E 93 -12.37 -34.63 -7.78
N GLY E 94 -13.37 -34.46 -6.92
CA GLY E 94 -13.21 -34.87 -5.51
C GLY E 94 -11.98 -34.18 -4.92
N ASP E 95 -10.84 -34.87 -4.92
CA ASP E 95 -9.58 -34.29 -4.40
C ASP E 95 -8.43 -34.80 -5.26
N GLU E 96 -8.74 -35.22 -6.49
CA GLU E 96 -7.69 -35.76 -7.39
C GLU E 96 -7.59 -34.86 -8.62
N THR E 97 -6.37 -34.46 -8.99
CA THR E 97 -6.15 -33.56 -10.15
C THR E 97 -5.14 -34.19 -11.11
N PHE E 98 -5.40 -34.13 -12.41
CA PHE E 98 -4.45 -34.71 -13.40
C PHE E 98 -4.13 -33.69 -14.50
N THR E 99 -2.91 -33.75 -15.02
CA THR E 99 -2.42 -32.87 -16.13
C THR E 99 -2.79 -33.51 -17.47
N LEU E 100 -3.27 -32.70 -18.42
CA LEU E 100 -3.62 -33.02 -19.85
C LEU E 100 -2.66 -32.30 -20.83
N ALA E 101 -2.27 -31.05 -20.49
CA ALA E 101 -1.20 -30.23 -21.10
C ALA E 101 0.12 -31.03 -21.20
#